data_482D
# 
_entry.id   482D 
# 
_audit_conform.dict_name       mmcif_pdbx.dic 
_audit_conform.dict_version    5.389 
_audit_conform.dict_location   http://mmcif.pdb.org/dictionaries/ascii/mmcif_pdbx.dic 
# 
loop_
_database_2.database_id 
_database_2.database_code 
_database_2.pdbx_database_accession 
_database_2.pdbx_DOI 
PDB   482D         pdb_0000482d 10.2210/pdb482d/pdb 
NDB   DD0017       ?            ?                   
RCSB  RCSB001323   ?            ?                   
WWPDB D_1000001323 ?            ?                   
# 
loop_
_pdbx_audit_revision_history.ordinal 
_pdbx_audit_revision_history.data_content_type 
_pdbx_audit_revision_history.major_revision 
_pdbx_audit_revision_history.minor_revision 
_pdbx_audit_revision_history.revision_date 
1 'Structure model' 1 0 1999-09-15 
2 'Structure model' 1 1 2008-04-26 
3 'Structure model' 1 2 2011-07-13 
4 'Structure model' 1 3 2023-12-27 
5 'Structure model' 1 4 2024-04-03 
# 
_pdbx_audit_revision_details.ordinal             1 
_pdbx_audit_revision_details.revision_ordinal    1 
_pdbx_audit_revision_details.data_content_type   'Structure model' 
_pdbx_audit_revision_details.provider            repository 
_pdbx_audit_revision_details.type                'Initial release' 
_pdbx_audit_revision_details.description         ? 
_pdbx_audit_revision_details.details             ? 
# 
loop_
_pdbx_audit_revision_group.ordinal 
_pdbx_audit_revision_group.revision_ordinal 
_pdbx_audit_revision_group.data_content_type 
_pdbx_audit_revision_group.group 
1 2 'Structure model' 'Version format compliance' 
2 3 'Structure model' 'Version format compliance' 
3 4 'Structure model' 'Data collection'           
4 4 'Structure model' 'Database references'       
5 4 'Structure model' 'Derived calculations'      
6 5 'Structure model' 'Refinement description'    
# 
loop_
_pdbx_audit_revision_category.ordinal 
_pdbx_audit_revision_category.revision_ordinal 
_pdbx_audit_revision_category.data_content_type 
_pdbx_audit_revision_category.category 
1 4 'Structure model' chem_comp_atom                
2 4 'Structure model' chem_comp_bond                
3 4 'Structure model' database_2                    
4 4 'Structure model' struct_site                   
5 5 'Structure model' pdbx_initial_refinement_model 
# 
loop_
_pdbx_audit_revision_item.ordinal 
_pdbx_audit_revision_item.revision_ordinal 
_pdbx_audit_revision_item.data_content_type 
_pdbx_audit_revision_item.item 
1 4 'Structure model' '_database_2.pdbx_DOI'                
2 4 'Structure model' '_database_2.pdbx_database_accession' 
3 4 'Structure model' '_struct_site.pdbx_auth_asym_id'      
4 4 'Structure model' '_struct_site.pdbx_auth_comp_id'      
5 4 'Structure model' '_struct_site.pdbx_auth_seq_id'       
# 
_pdbx_database_status.status_code                     REL 
_pdbx_database_status.entry_id                        482D 
_pdbx_database_status.recvd_initial_deposition_date   1999-07-27 
_pdbx_database_status.deposit_site                    RCSB 
_pdbx_database_status.process_site                    RCSB 
_pdbx_database_status.status_code_sf                  REL 
_pdbx_database_status.SG_entry                        . 
_pdbx_database_status.pdb_format_compatible           Y 
_pdbx_database_status.status_code_mr                  ? 
_pdbx_database_status.status_code_cs                  ? 
_pdbx_database_status.status_code_nmr_data            ? 
_pdbx_database_status.methods_development_category    ? 
# 
loop_
_audit_author.name 
_audit_author.pdbx_ordinal 
'Saminadin, P.'            1 
'Dautant, A.'              2 
'Mondon, M.'               3 
;Langlois D'Estaintot, B.
;
4 
'Courseille, C.'           5 
'Precigoux, G.'            6 
# 
loop_
_citation.id 
_citation.title 
_citation.journal_abbrev 
_citation.journal_volume 
_citation.page_first 
_citation.page_last 
_citation.year 
_citation.journal_id_ASTM 
_citation.country 
_citation.journal_id_ISSN 
_citation.journal_id_CSD 
_citation.book_publisher 
_citation.pdbx_database_id_PubMed 
_citation.pdbx_database_id_DOI 
primary 
'Release of the cyano moiety in the crystal structure of N-cyanomethyl-N-(2-methoxyethyl)-daunomycin complexed with d(CGATCG).' 
Eur.J.Biochem. 267 457  464  2000 EJBCAI IX 0014-2956 0262 ? 10632715 10.1046/j.1432-1327.2000.01017.x   
1       'Degradation of the Morpholino Ring in the Crystal Structure of Cyanomorpholinodoxorubicin' Eur.J.Biochem. 258 350  354  
1998 EJBCAI IX 0014-2956 0262 ? ?        10.1046/j.1432-1327.1998.2580350.x 
2       'Structural Comparison of Anticancer Drug-DNA Complexes. Adriamycin and Daunomycin' Biochemistry   29  2538 2549 1990 
BICHAW US 0006-2960 0033 ? ?        ?                                  
# 
loop_
_citation_author.citation_id 
_citation_author.name 
_citation_author.ordinal 
_citation_author.identifier_ORCID 
primary 'Saminadin, P.'            1  ? 
primary 'Dautant, A.'              2  ? 
primary 'Mondon, M.'               3  ? 
primary 
;Langlois D'estaintot, B.
;
4  ? 
primary 'Courseille, C.'           5  ? 
primary 'Precigoux, G.'            6  ? 
1       'Ettorre, A.'              7  ? 
1       'Cirilli, M.'              8  ? 
1       'Ughetto, G.'              9  ? 
2       'Frederick, C.A.'          10 ? 
2       'Williams, L.D.'           11 ? 
2       'Ughetto, G.'              12 ? 
2       'Van Der Marel, G.A.'      13 ? 
2       'Van Boom, J.H.'           14 ? 
2       'Rich, A.'                 15 ? 
2       'Wang, A.H.-J.'            16 ? 
# 
loop_
_entity.id 
_entity.type 
_entity.src_method 
_entity.pdbx_description 
_entity.formula_weight 
_entity.pdbx_number_of_molecules 
_entity.pdbx_ec 
_entity.pdbx_mutation 
_entity.pdbx_fragment 
_entity.details 
1 polymer     syn "5'-D(*CP*GP*AP*TP*CP*G)-3'"                    1809.217 1  ? ? ? 'COMPLEXED WITH (2-METHOXYETHYL)-DAUNOMYCIN' 
2 non-polymer syn 'N-HYDROXYMETHYL-N-(2-METHOXYETHYL)-DAUNOMYCIN' 617.641  1  ? ? ? ?                                            
3 water       nat water                                           18.015   25 ? ? ? ?                                            
# 
_entity_poly.entity_id                      1 
_entity_poly.type                           polydeoxyribonucleotide 
_entity_poly.nstd_linkage                   no 
_entity_poly.nstd_monomer                   no 
_entity_poly.pdbx_seq_one_letter_code       '(DC)(DG)(DA)(DT)(DC)(DG)' 
_entity_poly.pdbx_seq_one_letter_code_can   CGATCG 
_entity_poly.pdbx_strand_id                 A 
_entity_poly.pdbx_target_identifier         ? 
# 
loop_
_pdbx_entity_nonpoly.entity_id 
_pdbx_entity_nonpoly.name 
_pdbx_entity_nonpoly.comp_id 
2 'N-HYDROXYMETHYL-N-(2-METHOXYETHYL)-DAUNOMYCIN' DM9 
3 water                                           HOH 
# 
loop_
_entity_poly_seq.entity_id 
_entity_poly_seq.num 
_entity_poly_seq.mon_id 
_entity_poly_seq.hetero 
1 1 DC n 
1 2 DG n 
1 3 DA n 
1 4 DT n 
1 5 DC n 
1 6 DG n 
# 
loop_
_chem_comp.id 
_chem_comp.type 
_chem_comp.mon_nstd_flag 
_chem_comp.name 
_chem_comp.pdbx_synonyms 
_chem_comp.formula 
_chem_comp.formula_weight 
DA  'DNA linking' y "2'-DEOXYADENOSINE-5'-MONOPHOSPHATE"            ? 'C10 H14 N5 O6 P' 331.222 
DC  'DNA linking' y "2'-DEOXYCYTIDINE-5'-MONOPHOSPHATE"             ? 'C9 H14 N3 O7 P'  307.197 
DG  'DNA linking' y "2'-DEOXYGUANOSINE-5'-MONOPHOSPHATE"            ? 'C10 H14 N5 O7 P' 347.221 
DM9 non-polymer   . 'N-HYDROXYMETHYL-N-(2-METHOXYETHYL)-DAUNOMYCIN' ? 'C31 H39 N O12'   617.641 
DT  'DNA linking' y "THYMIDINE-5'-MONOPHOSPHATE"                    ? 'C10 H15 N2 O8 P' 322.208 
HOH non-polymer   . WATER                                           ? 'H2 O'            18.015  
# 
loop_
_pdbx_poly_seq_scheme.asym_id 
_pdbx_poly_seq_scheme.entity_id 
_pdbx_poly_seq_scheme.seq_id 
_pdbx_poly_seq_scheme.mon_id 
_pdbx_poly_seq_scheme.ndb_seq_num 
_pdbx_poly_seq_scheme.pdb_seq_num 
_pdbx_poly_seq_scheme.auth_seq_num 
_pdbx_poly_seq_scheme.pdb_mon_id 
_pdbx_poly_seq_scheme.auth_mon_id 
_pdbx_poly_seq_scheme.pdb_strand_id 
_pdbx_poly_seq_scheme.pdb_ins_code 
_pdbx_poly_seq_scheme.hetero 
A 1 1 DC 1 1 1 DC C A . n 
A 1 2 DG 2 2 2 DG G A . n 
A 1 3 DA 3 3 3 DA A A . n 
A 1 4 DT 4 4 4 DT T A . n 
A 1 5 DC 5 5 5 DC C A . n 
A 1 6 DG 6 6 6 DG G A . n 
# 
loop_
_pdbx_nonpoly_scheme.asym_id 
_pdbx_nonpoly_scheme.entity_id 
_pdbx_nonpoly_scheme.mon_id 
_pdbx_nonpoly_scheme.ndb_seq_num 
_pdbx_nonpoly_scheme.pdb_seq_num 
_pdbx_nonpoly_scheme.auth_seq_num 
_pdbx_nonpoly_scheme.pdb_mon_id 
_pdbx_nonpoly_scheme.auth_mon_id 
_pdbx_nonpoly_scheme.pdb_strand_id 
_pdbx_nonpoly_scheme.pdb_ins_code 
B 2 DM9 1  7  7  DM9 DM9 A . 
C 3 HOH 1  8  8  HOH HOH A . 
C 3 HOH 2  9  9  HOH HOH A . 
C 3 HOH 3  10 10 HOH HOH A . 
C 3 HOH 4  11 11 HOH HOH A . 
C 3 HOH 5  12 12 HOH HOH A . 
C 3 HOH 6  13 13 HOH HOH A . 
C 3 HOH 7  14 14 HOH HOH A . 
C 3 HOH 8  15 15 HOH HOH A . 
C 3 HOH 9  16 16 HOH HOH A . 
C 3 HOH 10 17 17 HOH HOH A . 
C 3 HOH 11 18 18 HOH HOH A . 
C 3 HOH 12 19 19 HOH HOH A . 
C 3 HOH 13 20 20 HOH HOH A . 
C 3 HOH 14 21 21 HOH HOH A . 
C 3 HOH 15 22 22 HOH HOH A . 
C 3 HOH 16 23 23 HOH HOH A . 
C 3 HOH 17 24 24 HOH HOH A . 
C 3 HOH 18 25 25 HOH HOH A . 
C 3 HOH 19 26 26 HOH HOH A . 
C 3 HOH 20 27 27 HOH HOH A . 
C 3 HOH 21 28 28 HOH HOH A . 
C 3 HOH 22 29 29 HOH HOH A . 
C 3 HOH 23 30 30 HOH HOH A . 
C 3 HOH 24 31 31 HOH HOH A . 
C 3 HOH 25 32 32 HOH HOH A . 
# 
loop_
_software.name 
_software.classification 
_software.version 
_software.citation_id 
_software.pdbx_ordinal 
AMoRE  phasing          .         ? 1 
X-PLOR refinement       .         ? 2 
MOSFLM 'data reduction' .         ? 3 
CCP4   'data scaling'   '(SCALA)' ? 4 
# 
_cell.entry_id           482D 
_cell.length_a           28.160 
_cell.length_b           28.160 
_cell.length_c           53.400 
_cell.angle_alpha        90.00 
_cell.angle_beta         90.00 
_cell.angle_gamma        90.00 
_cell.Z_PDB              8 
_cell.pdbx_unique_axis   ? 
# 
_symmetry.entry_id                         482D 
_symmetry.space_group_name_H-M             'P 41 21 2' 
_symmetry.pdbx_full_space_group_name_H-M   ? 
_symmetry.cell_setting                     tetragonal 
_symmetry.Int_Tables_number                92 
# 
_exptl.entry_id          482D 
_exptl.method            'X-RAY DIFFRACTION' 
_exptl.crystals_number   1 
# 
_exptl_crystal.id                    1 
_exptl_crystal.density_meas          ? 
_exptl_crystal.density_Matthews      2.24 
_exptl_crystal.density_percent_sol   44.5 
_exptl_crystal.description           ? 
# 
_exptl_crystal_grow.crystal_id      1 
_exptl_crystal_grow.method          'VAPOR DIFFUSION, HANGING DROP' 
_exptl_crystal_grow.temp            277 
_exptl_crystal_grow.temp_details    ? 
_exptl_crystal_grow.pH              5.5 
_exptl_crystal_grow.pdbx_details    
;CRYSTALS WERE OBTAINED FROM A SOLUTION THAT CONTAINED MPD, LICL, MGCL2, SODIUM CACODYLATE, COBALT HEXAMINE, pH 5.5, VAPOR DIFFUSION, HANGING DROP, temperature 277K
;
_exptl_crystal_grow.pdbx_pH_range   ? 
# 
loop_
_exptl_crystal_grow_comp.crystal_id 
_exptl_crystal_grow_comp.id 
_exptl_crystal_grow_comp.sol_id 
_exptl_crystal_grow_comp.name 
_exptl_crystal_grow_comp.volume 
_exptl_crystal_grow_comp.conc 
_exptl_crystal_grow_comp.details 
1 1 1 MPD                 ? ? ? 
1 2 1 LICL                ? ? ? 
1 3 1 MGCL2               ? ? ? 
1 4 1 'SODIUM CACODYLATE' ? ? ? 
1 5 1 '[CO(NH3)6]CL3'     ? ? ? 
1 6 2 MPD                 ? ? ? 
# 
_diffrn.id                     1 
_diffrn.ambient_temp           277.0 
_diffrn.ambient_temp_details   ? 
_diffrn.crystal_id             1 
# 
_diffrn_detector.diffrn_id              1 
_diffrn_detector.detector               'IMAGE PLATE' 
_diffrn_detector.type                   MARRESEARCH 
_diffrn_detector.pdbx_collection_date   1999-06-15 
_diffrn_detector.details                COLLIMATOR 
# 
_diffrn_radiation.diffrn_id                        1 
_diffrn_radiation.wavelength_id                    1 
_diffrn_radiation.pdbx_monochromatic_or_laue_m_l   M 
_diffrn_radiation.monochromator                    'GRAPHITE CRYSTAL' 
_diffrn_radiation.pdbx_diffrn_protocol             'SINGLE WAVELENGTH' 
_diffrn_radiation.pdbx_scattering_type             x-ray 
# 
_diffrn_radiation_wavelength.id           1 
_diffrn_radiation_wavelength.wavelength   1.5418 
_diffrn_radiation_wavelength.wt           1.0 
# 
_diffrn_source.diffrn_id                   1 
_diffrn_source.source                      'ROTATING ANODE' 
_diffrn_source.type                        'ENRAF-NONIUS FR571' 
_diffrn_source.pdbx_synchrotron_site       ? 
_diffrn_source.pdbx_synchrotron_beamline   ? 
_diffrn_source.pdbx_wavelength             1.5418 
_diffrn_source.pdbx_wavelength_list        ? 
# 
_reflns.entry_id                     482D 
_reflns.observed_criterion_sigma_I   0 
_reflns.observed_criterion_sigma_F   ? 
_reflns.d_resolution_low             12.60 
_reflns.d_resolution_high            1.54 
_reflns.number_obs                   3327 
_reflns.number_all                   ? 
_reflns.percent_possible_obs         95.5 
_reflns.pdbx_Rmerge_I_obs            0.0460000 
_reflns.pdbx_Rsym_value              0.0460000 
_reflns.pdbx_netI_over_sigmaI        9.6 
_reflns.B_iso_Wilson_estimate        15.3 
_reflns.pdbx_redundancy              3.9 
_reflns.R_free_details               ? 
_reflns.pdbx_diffrn_id               1 
_reflns.pdbx_ordinal                 1 
# 
_reflns_shell.d_res_high             1.54 
_reflns_shell.d_res_low              1.57 
_reflns_shell.percent_possible_all   92.3 
_reflns_shell.Rmerge_I_obs           0.1580000 
_reflns_shell.pdbx_Rsym_value        0.1580000 
_reflns_shell.meanI_over_sigI_obs    3.9 
_reflns_shell.pdbx_redundancy        3.8 
_reflns_shell.percent_possible_obs   ? 
_reflns_shell.number_unique_all      ? 
_reflns_shell.pdbx_diffrn_id         ? 
_reflns_shell.pdbx_ordinal           1 
# 
_refine.entry_id                                 482D 
_refine.ls_number_reflns_obs                     3220 
_refine.ls_number_reflns_all                     ? 
_refine.pdbx_ls_sigma_I                          ? 
_refine.pdbx_ls_sigma_F                          2.0 
_refine.pdbx_data_cutoff_high_absF               ? 
_refine.pdbx_data_cutoff_low_absF                ? 
_refine.pdbx_data_cutoff_high_rms_absF           ? 
_refine.ls_d_res_low                             12.60 
_refine.ls_d_res_high                            1.54 
_refine.ls_percent_reflns_obs                    92.0 
_refine.ls_R_factor_obs                          0.2300000 
_refine.ls_R_factor_all                          ? 
_refine.ls_R_factor_R_work                       0.2300000 
_refine.ls_R_factor_R_free                       0.2800000 
_refine.ls_R_factor_R_free_error                 ? 
_refine.ls_R_factor_R_free_error_details         ? 
_refine.ls_percent_reflns_R_free                 10.0 
_refine.ls_number_reflns_R_free                  136 
_refine.ls_number_parameters                     ? 
_refine.ls_number_restraints                     ? 
_refine.occupancy_min                            ? 
_refine.occupancy_max                            ? 
_refine.B_iso_mean                               19.9 
_refine.aniso_B[1][1]                            ? 
_refine.aniso_B[2][2]                            ? 
_refine.aniso_B[3][3]                            ? 
_refine.aniso_B[1][2]                            ? 
_refine.aniso_B[1][3]                            ? 
_refine.aniso_B[2][3]                            ? 
_refine.solvent_model_details                    ? 
_refine.solvent_model_param_ksol                 ? 
_refine.solvent_model_param_bsol                 ? 
_refine.pdbx_ls_cross_valid_method               THROUGHOUT 
_refine.details                                  ? 
_refine.pdbx_starting_model                      'SEE REMARK 1 REFERENCE 2' 
_refine.pdbx_method_to_determine_struct          'MOLECULAR REPLACEMENT' 
_refine.pdbx_isotropic_thermal_model             ? 
_refine.pdbx_stereochemistry_target_values       ? 
_refine.pdbx_stereochem_target_val_spec_case     ? 
_refine.pdbx_R_Free_selection_details            RANDOM 
_refine.pdbx_overall_ESU_R                       ? 
_refine.pdbx_overall_ESU_R_Free                  ? 
_refine.overall_SU_ML                            ? 
_refine.overall_SU_B                             ? 
_refine.ls_redundancy_reflns_obs                 ? 
_refine.correlation_coeff_Fo_to_Fc               ? 
_refine.correlation_coeff_Fo_to_Fc_free          ? 
_refine.overall_SU_R_Cruickshank_DPI             ? 
_refine.overall_SU_R_free                        ? 
_refine.pdbx_refine_id                           'X-RAY DIFFRACTION' 
_refine.pdbx_diffrn_id                           1 
_refine.pdbx_TLS_residual_ADP_flag               ? 
_refine.pdbx_solvent_vdw_probe_radii             ? 
_refine.pdbx_solvent_ion_probe_radii             ? 
_refine.pdbx_solvent_shrinkage_radii             ? 
_refine.pdbx_overall_phase_error                 ? 
_refine.pdbx_overall_SU_R_free_Cruickshank_DPI   ? 
_refine.pdbx_overall_SU_R_Blow_DPI               ? 
_refine.pdbx_overall_SU_R_free_Blow_DPI          ? 
# 
_refine_hist.pdbx_refine_id                   'X-RAY DIFFRACTION' 
_refine_hist.cycle_id                         LAST 
_refine_hist.pdbx_number_atoms_protein        0 
_refine_hist.pdbx_number_atoms_nucleic_acid   120 
_refine_hist.pdbx_number_atoms_ligand         44 
_refine_hist.number_atoms_solvent             25 
_refine_hist.number_atoms_total               189 
_refine_hist.d_res_high                       1.54 
_refine_hist.d_res_low                        12.60 
# 
loop_
_refine_ls_restr.type 
_refine_ls_restr.dev_ideal 
_refine_ls_restr.dev_ideal_target 
_refine_ls_restr.weight 
_refine_ls_restr.number 
_refine_ls_restr.pdbx_refine_id 
_refine_ls_restr.pdbx_restraint_function 
x_bond_d                0.009 ? ? ? 'X-RAY DIFFRACTION' ? 
x_bond_d_na             ?     ? ? ? 'X-RAY DIFFRACTION' ? 
x_bond_d_prot           ?     ? ? ? 'X-RAY DIFFRACTION' ? 
x_angle_d               ?     ? ? ? 'X-RAY DIFFRACTION' ? 
x_angle_d_na            ?     ? ? ? 'X-RAY DIFFRACTION' ? 
x_angle_d_prot          ?     ? ? ? 'X-RAY DIFFRACTION' ? 
x_angle_deg             1.386 ? ? ? 'X-RAY DIFFRACTION' ? 
x_angle_deg_na          ?     ? ? ? 'X-RAY DIFFRACTION' ? 
x_angle_deg_prot        ?     ? ? ? 'X-RAY DIFFRACTION' ? 
x_dihedral_angle_d      0.601 ? ? ? 'X-RAY DIFFRACTION' ? 
x_dihedral_angle_d_na   ?     ? ? ? 'X-RAY DIFFRACTION' ? 
x_dihedral_angle_d_prot ?     ? ? ? 'X-RAY DIFFRACTION' ? 
x_improper_angle_d      0.996 ? ? ? 'X-RAY DIFFRACTION' ? 
x_improper_angle_d_na   ?     ? ? ? 'X-RAY DIFFRACTION' ? 
x_improper_angle_d_prot ?     ? ? ? 'X-RAY DIFFRACTION' ? 
x_mcbond_it             ?     ? ? ? 'X-RAY DIFFRACTION' ? 
x_mcangle_it            ?     ? ? ? 'X-RAY DIFFRACTION' ? 
x_scbond_it             ?     ? ? ? 'X-RAY DIFFRACTION' ? 
x_scangle_it            ?     ? ? ? 'X-RAY DIFFRACTION' ? 
# 
_refine_ls_shell.pdbx_total_number_of_bins_used   15 
_refine_ls_shell.d_res_high                       1.54 
_refine_ls_shell.d_res_low                        1.58 
_refine_ls_shell.number_reflns_R_work             181 
_refine_ls_shell.R_factor_R_work                  0.2300000 
_refine_ls_shell.percent_reflns_obs               84.0 
_refine_ls_shell.R_factor_R_free                  0.4300000 
_refine_ls_shell.R_factor_R_free_error            ? 
_refine_ls_shell.percent_reflns_R_free            10.0 
_refine_ls_shell.number_reflns_R_free             6 
_refine_ls_shell.redundancy_reflns_obs            ? 
_refine_ls_shell.pdbx_refine_id                   'X-RAY DIFFRACTION' 
_refine_ls_shell.number_reflns_all                ? 
_refine_ls_shell.R_factor_all                     ? 
# 
_struct.entry_id                  482D 
_struct.title                     
'RELEASE OF THE CYANO MOIETY IN THE CRYSTAL STRUCTURE OF N-CYANOMETHYL-N-(2-METHOXYETHYL)-DAUNOMYCIN COMPLEXED WITH D(CGATCG)' 
_struct.pdbx_model_details        ? 
_struct.pdbx_CASP_flag            ? 
_struct.pdbx_model_type_details   ? 
# 
_struct_keywords.entry_id        482D 
_struct_keywords.pdbx_keywords   DNA 
_struct_keywords.text            'RIGHT HANDED DNA, DOUBLE HELIX, COMPLEXED WITH DRUG, DEOXYRIBONUCLEIC ACID, DNA' 
# 
loop_
_struct_asym.id 
_struct_asym.pdbx_blank_PDB_chainid_flag 
_struct_asym.pdbx_modified 
_struct_asym.entity_id 
_struct_asym.details 
A N N 1 ? 
B N N 2 ? 
C N N 3 ? 
# 
_struct_ref.id                         1 
_struct_ref.entity_id                  1 
_struct_ref.db_name                    PDB 
_struct_ref.db_code                    482D 
_struct_ref.pdbx_db_accession          482D 
_struct_ref.pdbx_db_isoform            ? 
_struct_ref.pdbx_seq_one_letter_code   ? 
_struct_ref.pdbx_align_begin           ? 
# 
_struct_ref_seq.align_id                      1 
_struct_ref_seq.ref_id                        1 
_struct_ref_seq.pdbx_PDB_id_code              482D 
_struct_ref_seq.pdbx_strand_id                A 
_struct_ref_seq.seq_align_beg                 1 
_struct_ref_seq.pdbx_seq_align_beg_ins_code   ? 
_struct_ref_seq.seq_align_end                 6 
_struct_ref_seq.pdbx_seq_align_end_ins_code   ? 
_struct_ref_seq.pdbx_db_accession             482D 
_struct_ref_seq.db_align_beg                  1 
_struct_ref_seq.pdbx_db_align_beg_ins_code    ? 
_struct_ref_seq.db_align_end                  6 
_struct_ref_seq.pdbx_db_align_end_ins_code    ? 
_struct_ref_seq.pdbx_auth_seq_align_beg       1 
_struct_ref_seq.pdbx_auth_seq_align_end       6 
# 
_pdbx_struct_assembly.id                   1 
_pdbx_struct_assembly.details              author_defined_assembly 
_pdbx_struct_assembly.method_details       ? 
_pdbx_struct_assembly.oligomeric_details   dimeric 
_pdbx_struct_assembly.oligomeric_count     2 
# 
_pdbx_struct_assembly_gen.assembly_id       1 
_pdbx_struct_assembly_gen.oper_expression   1,2 
_pdbx_struct_assembly_gen.asym_id_list      A,B,C 
# 
loop_
_pdbx_struct_oper_list.id 
_pdbx_struct_oper_list.type 
_pdbx_struct_oper_list.name 
_pdbx_struct_oper_list.symmetry_operation 
_pdbx_struct_oper_list.matrix[1][1] 
_pdbx_struct_oper_list.matrix[1][2] 
_pdbx_struct_oper_list.matrix[1][3] 
_pdbx_struct_oper_list.vector[1] 
_pdbx_struct_oper_list.matrix[2][1] 
_pdbx_struct_oper_list.matrix[2][2] 
_pdbx_struct_oper_list.matrix[2][3] 
_pdbx_struct_oper_list.vector[2] 
_pdbx_struct_oper_list.matrix[3][1] 
_pdbx_struct_oper_list.matrix[3][2] 
_pdbx_struct_oper_list.matrix[3][3] 
_pdbx_struct_oper_list.vector[3] 
1 'identity operation'         1_555 x,y,z            1.0000000000 0.0000000000  0.0000000000 0.0000000000 0.0000000000  1.0000000000  0.0000000000  0.0000000000  0.0000000000 0.0000000000  1.0000000000  0.0000000000  
2 'crystal symmetry operation' 8_665 -y+1,-x+1,-z+1/2 0.2395421637 -0.8277894305 0.5073304747 2.0512311713 -0.8277894305 -0.4471867425 -0.3388047757 -0.6519476961 0.5073304747 -0.3388047757 -0.7923554212 -6.0754539501 
# 
_struct_biol.id                    1 
_struct_biol.pdbx_parent_biol_id   ? 
_struct_biol.details               ? 
# 
loop_
_struct_conn.id 
_struct_conn.conn_type_id 
_struct_conn.pdbx_leaving_atom_flag 
_struct_conn.pdbx_PDB_id 
_struct_conn.ptnr1_label_asym_id 
_struct_conn.ptnr1_label_comp_id 
_struct_conn.ptnr1_label_seq_id 
_struct_conn.ptnr1_label_atom_id 
_struct_conn.pdbx_ptnr1_label_alt_id 
_struct_conn.pdbx_ptnr1_PDB_ins_code 
_struct_conn.pdbx_ptnr1_standard_comp_id 
_struct_conn.ptnr1_symmetry 
_struct_conn.ptnr2_label_asym_id 
_struct_conn.ptnr2_label_comp_id 
_struct_conn.ptnr2_label_seq_id 
_struct_conn.ptnr2_label_atom_id 
_struct_conn.pdbx_ptnr2_label_alt_id 
_struct_conn.pdbx_ptnr2_PDB_ins_code 
_struct_conn.ptnr1_auth_asym_id 
_struct_conn.ptnr1_auth_comp_id 
_struct_conn.ptnr1_auth_seq_id 
_struct_conn.ptnr2_auth_asym_id 
_struct_conn.ptnr2_auth_comp_id 
_struct_conn.ptnr2_auth_seq_id 
_struct_conn.ptnr2_symmetry 
_struct_conn.pdbx_ptnr3_label_atom_id 
_struct_conn.pdbx_ptnr3_label_seq_id 
_struct_conn.pdbx_ptnr3_label_comp_id 
_struct_conn.pdbx_ptnr3_label_asym_id 
_struct_conn.pdbx_ptnr3_label_alt_id 
_struct_conn.pdbx_ptnr3_PDB_ins_code 
_struct_conn.details 
_struct_conn.pdbx_dist_value 
_struct_conn.pdbx_value_order 
_struct_conn.pdbx_role 
hydrog1  hydrog ? ? A DC 1 N3 ? ? ? 1_555 A DG 6 N1 ? ? A DC 1 A DG 6 8_665 ? ? ? ? ? ? WATSON-CRICK ? ? ? 
hydrog2  hydrog ? ? A DC 1 N4 ? ? ? 1_555 A DG 6 O6 ? ? A DC 1 A DG 6 8_665 ? ? ? ? ? ? WATSON-CRICK ? ? ? 
hydrog3  hydrog ? ? A DC 1 O2 ? ? ? 1_555 A DG 6 N2 ? ? A DC 1 A DG 6 8_665 ? ? ? ? ? ? WATSON-CRICK ? ? ? 
hydrog4  hydrog ? ? A DG 2 N1 ? ? ? 1_555 A DC 5 N3 ? ? A DG 2 A DC 5 8_665 ? ? ? ? ? ? WATSON-CRICK ? ? ? 
hydrog5  hydrog ? ? A DG 2 N2 ? ? ? 1_555 A DC 5 O2 ? ? A DG 2 A DC 5 8_665 ? ? ? ? ? ? WATSON-CRICK ? ? ? 
hydrog6  hydrog ? ? A DG 2 O6 ? ? ? 1_555 A DC 5 N4 ? ? A DG 2 A DC 5 8_665 ? ? ? ? ? ? WATSON-CRICK ? ? ? 
hydrog7  hydrog ? ? A DA 3 N1 ? ? ? 1_555 A DT 4 N3 ? ? A DA 3 A DT 4 8_665 ? ? ? ? ? ? WATSON-CRICK ? ? ? 
hydrog8  hydrog ? ? A DA 3 N6 ? ? ? 1_555 A DT 4 O4 ? ? A DA 3 A DT 4 8_665 ? ? ? ? ? ? WATSON-CRICK ? ? ? 
hydrog9  hydrog ? ? A DT 4 N3 ? ? ? 1_555 A DA 3 N1 ? ? A DT 4 A DA 3 8_665 ? ? ? ? ? ? WATSON-CRICK ? ? ? 
hydrog10 hydrog ? ? A DT 4 O4 ? ? ? 1_555 A DA 3 N6 ? ? A DT 4 A DA 3 8_665 ? ? ? ? ? ? WATSON-CRICK ? ? ? 
hydrog11 hydrog ? ? A DC 5 N3 ? ? ? 1_555 A DG 2 N1 ? ? A DC 5 A DG 2 8_665 ? ? ? ? ? ? WATSON-CRICK ? ? ? 
hydrog12 hydrog ? ? A DC 5 N4 ? ? ? 1_555 A DG 2 O6 ? ? A DC 5 A DG 2 8_665 ? ? ? ? ? ? WATSON-CRICK ? ? ? 
hydrog13 hydrog ? ? A DC 5 O2 ? ? ? 1_555 A DG 2 N2 ? ? A DC 5 A DG 2 8_665 ? ? ? ? ? ? WATSON-CRICK ? ? ? 
hydrog14 hydrog ? ? A DG 6 N1 ? ? ? 1_555 A DC 1 N3 ? ? A DG 6 A DC 1 8_665 ? ? ? ? ? ? WATSON-CRICK ? ? ? 
hydrog15 hydrog ? ? A DG 6 N2 ? ? ? 1_555 A DC 1 O2 ? ? A DG 6 A DC 1 8_665 ? ? ? ? ? ? WATSON-CRICK ? ? ? 
hydrog16 hydrog ? ? A DG 6 O6 ? ? ? 1_555 A DC 1 N4 ? ? A DG 6 A DC 1 8_665 ? ? ? ? ? ? WATSON-CRICK ? ? ? 
# 
_struct_conn_type.id          hydrog 
_struct_conn_type.criteria    ? 
_struct_conn_type.reference   ? 
# 
loop_
_struct_site.id 
_struct_site.pdbx_evidence_code 
_struct_site.pdbx_auth_asym_id 
_struct_site.pdbx_auth_comp_id 
_struct_site.pdbx_auth_seq_id 
_struct_site.pdbx_auth_ins_code 
_struct_site.pdbx_num_residues 
_struct_site.details 
AC1 Software A DM9 7 ? 11 'BINDING SITE FOR RESIDUE DM9 A 7' 
1   ?        ? ?   ? ? ?  ?                                  
# 
loop_
_struct_site_gen.id 
_struct_site_gen.site_id 
_struct_site_gen.pdbx_num_res 
_struct_site_gen.label_comp_id 
_struct_site_gen.label_asym_id 
_struct_site_gen.label_seq_id 
_struct_site_gen.pdbx_auth_ins_code 
_struct_site_gen.auth_comp_id 
_struct_site_gen.auth_asym_id 
_struct_site_gen.auth_seq_id 
_struct_site_gen.label_atom_id 
_struct_site_gen.label_alt_id 
_struct_site_gen.symmetry 
_struct_site_gen.details 
1  AC1 11 DC  A 1 ? DC  A 1  . ? 8_665 ? 
2  AC1 11 DG  A 2 ? DG  A 2  . ? 8_665 ? 
3  AC1 11 DA  A 3 ? DA  A 3  . ? 8_665 ? 
4  AC1 11 DT  A 4 ? DT  A 4  . ? 8_665 ? 
5  AC1 11 DT  A 4 ? DT  A 4  . ? 1_555 ? 
6  AC1 11 DC  A 5 ? DC  A 5  . ? 1_555 ? 
7  AC1 11 DG  A 6 ? DG  A 6  . ? 1_555 ? 
8  AC1 11 HOH C . ? HOH A 8  . ? 1_555 ? 
9  AC1 11 HOH C . ? HOH A 12 . ? 8_665 ? 
10 AC1 11 HOH C . ? HOH A 14 . ? 1_555 ? 
11 AC1 11 HOH C . ? HOH A 29 . ? 1_555 ? 
# 
_pdbx_validate_planes.id              1 
_pdbx_validate_planes.PDB_model_num   1 
_pdbx_validate_planes.auth_comp_id    DC 
_pdbx_validate_planes.auth_asym_id    A 
_pdbx_validate_planes.auth_seq_id     5 
_pdbx_validate_planes.PDB_ins_code    ? 
_pdbx_validate_planes.label_alt_id    ? 
_pdbx_validate_planes.rmsd            0.080 
_pdbx_validate_planes.type            'SIDE CHAIN' 
# 
_struct_site_keywords.site_id   1 
_struct_site_keywords.text      'INTERCALATION, GROOVE BINDER' 
# 
_pdbx_entry_details.entry_id                 482D 
_pdbx_entry_details.compound_details         ? 
_pdbx_entry_details.source_details           ? 
_pdbx_entry_details.nonpolymer_details       
;N-CYANOMETHYL-N-(2-METHOXYETHYL)-DAUNOMYCIN WAS USED
IN CRYSTALLIZATION SET-UP. DEGRADATION OF THIS COMPOUND
GAVE RISE TO N-HYDROXYMETHYL-N(-2-METHOXYETHYL)-DAUNOMYCIN.
;
_pdbx_entry_details.sequence_details         ? 
_pdbx_entry_details.has_ligand_of_interest   ? 
# 
loop_
_chem_comp_atom.comp_id 
_chem_comp_atom.atom_id 
_chem_comp_atom.type_symbol 
_chem_comp_atom.pdbx_aromatic_flag 
_chem_comp_atom.pdbx_stereo_config 
_chem_comp_atom.pdbx_ordinal 
DA  OP3    O N N 1   
DA  P      P N N 2   
DA  OP1    O N N 3   
DA  OP2    O N N 4   
DA  "O5'"  O N N 5   
DA  "C5'"  C N N 6   
DA  "C4'"  C N R 7   
DA  "O4'"  O N N 8   
DA  "C3'"  C N S 9   
DA  "O3'"  O N N 10  
DA  "C2'"  C N N 11  
DA  "C1'"  C N R 12  
DA  N9     N Y N 13  
DA  C8     C Y N 14  
DA  N7     N Y N 15  
DA  C5     C Y N 16  
DA  C6     C Y N 17  
DA  N6     N N N 18  
DA  N1     N Y N 19  
DA  C2     C Y N 20  
DA  N3     N Y N 21  
DA  C4     C Y N 22  
DA  HOP3   H N N 23  
DA  HOP2   H N N 24  
DA  "H5'"  H N N 25  
DA  "H5''" H N N 26  
DA  "H4'"  H N N 27  
DA  "H3'"  H N N 28  
DA  "HO3'" H N N 29  
DA  "H2'"  H N N 30  
DA  "H2''" H N N 31  
DA  "H1'"  H N N 32  
DA  H8     H N N 33  
DA  H61    H N N 34  
DA  H62    H N N 35  
DA  H2     H N N 36  
DC  OP3    O N N 37  
DC  P      P N N 38  
DC  OP1    O N N 39  
DC  OP2    O N N 40  
DC  "O5'"  O N N 41  
DC  "C5'"  C N N 42  
DC  "C4'"  C N R 43  
DC  "O4'"  O N N 44  
DC  "C3'"  C N S 45  
DC  "O3'"  O N N 46  
DC  "C2'"  C N N 47  
DC  "C1'"  C N R 48  
DC  N1     N N N 49  
DC  C2     C N N 50  
DC  O2     O N N 51  
DC  N3     N N N 52  
DC  C4     C N N 53  
DC  N4     N N N 54  
DC  C5     C N N 55  
DC  C6     C N N 56  
DC  HOP3   H N N 57  
DC  HOP2   H N N 58  
DC  "H5'"  H N N 59  
DC  "H5''" H N N 60  
DC  "H4'"  H N N 61  
DC  "H3'"  H N N 62  
DC  "HO3'" H N N 63  
DC  "H2'"  H N N 64  
DC  "H2''" H N N 65  
DC  "H1'"  H N N 66  
DC  H41    H N N 67  
DC  H42    H N N 68  
DC  H5     H N N 69  
DC  H6     H N N 70  
DG  OP3    O N N 71  
DG  P      P N N 72  
DG  OP1    O N N 73  
DG  OP2    O N N 74  
DG  "O5'"  O N N 75  
DG  "C5'"  C N N 76  
DG  "C4'"  C N R 77  
DG  "O4'"  O N N 78  
DG  "C3'"  C N S 79  
DG  "O3'"  O N N 80  
DG  "C2'"  C N N 81  
DG  "C1'"  C N R 82  
DG  N9     N Y N 83  
DG  C8     C Y N 84  
DG  N7     N Y N 85  
DG  C5     C Y N 86  
DG  C6     C N N 87  
DG  O6     O N N 88  
DG  N1     N N N 89  
DG  C2     C N N 90  
DG  N2     N N N 91  
DG  N3     N N N 92  
DG  C4     C Y N 93  
DG  HOP3   H N N 94  
DG  HOP2   H N N 95  
DG  "H5'"  H N N 96  
DG  "H5''" H N N 97  
DG  "H4'"  H N N 98  
DG  "H3'"  H N N 99  
DG  "HO3'" H N N 100 
DG  "H2'"  H N N 101 
DG  "H2''" H N N 102 
DG  "H1'"  H N N 103 
DG  H8     H N N 104 
DG  H1     H N N 105 
DG  H21    H N N 106 
DG  H22    H N N 107 
DM9 C1     C Y N 108 
DM9 C2     C Y N 109 
DM9 C3     C Y N 110 
DM9 C4     C Y N 111 
DM9 O4     O N N 112 
DM9 C5     C Y N 113 
DM9 O5     O N N 114 
DM9 C6     C Y N 115 
DM9 O6     O N N 116 
DM9 C7     C N S 117 
DM9 O7     O N N 118 
DM9 C8     C N N 119 
DM9 C9     C N S 120 
DM9 O9     O N N 121 
DM9 C10    C N N 122 
DM9 C11    C Y N 123 
DM9 O11    O N N 124 
DM9 C12    C Y N 125 
DM9 O12    O N N 126 
DM9 C13    C N N 127 
DM9 O13    O N N 128 
DM9 C14    C N N 129 
DM9 C15    C Y N 130 
DM9 C16    C Y N 131 
DM9 C17    C Y N 132 
DM9 C18    C Y N 133 
DM9 C19    C Y N 134 
DM9 C20    C Y N 135 
DM9 C21    C N N 136 
DM9 "C1'"  C N R 137 
DM9 "C2'"  C N N 138 
DM9 "C3'"  C N S 139 
DM9 "C4'"  C N S 140 
DM9 "O4'"  O N N 141 
DM9 "C5'"  C N S 142 
DM9 "O5'"  O N N 143 
DM9 "C6'"  C N N 144 
DM9 "N3'"  N N N 145 
DM9 C31    C N N 146 
DM9 O31    O N N 147 
DM9 C41    C N N 148 
DM9 C42    C N N 149 
DM9 O42    O N N 150 
DM9 C43    C N N 151 
DM9 H1     H N N 152 
DM9 H2     H N N 153 
DM9 H3     H N N 154 
DM9 HO5    H N N 155 
DM9 HO6    H N N 156 
DM9 H7     H N N 157 
DM9 H81    H N N 158 
DM9 H82    H N N 159 
DM9 HO9    H N N 160 
DM9 H101   H N N 161 
DM9 H102   H N N 162 
DM9 HO11   H N N 163 
DM9 HO12   H N N 164 
DM9 H141   H N N 165 
DM9 H142   H N N 166 
DM9 H143   H N N 167 
DM9 H211   H N N 168 
DM9 H212   H N N 169 
DM9 H213   H N N 170 
DM9 "H1'"  H N N 171 
DM9 "H2'1" H N N 172 
DM9 "H2'2" H N N 173 
DM9 "H3'"  H N N 174 
DM9 "H4'"  H N N 175 
DM9 "HO4'" H N N 176 
DM9 "H5'"  H N N 177 
DM9 "H6'1" H N N 178 
DM9 "H6'2" H N N 179 
DM9 "H6'3" H N N 180 
DM9 H311   H N N 181 
DM9 H312   H N N 182 
DM9 HO31   H N N 183 
DM9 H411   H N N 184 
DM9 H412   H N N 185 
DM9 H421   H N N 186 
DM9 H422   H N N 187 
DM9 H431   H N N 188 
DM9 H432   H N N 189 
DM9 H433   H N N 190 
DT  OP3    O N N 191 
DT  P      P N N 192 
DT  OP1    O N N 193 
DT  OP2    O N N 194 
DT  "O5'"  O N N 195 
DT  "C5'"  C N N 196 
DT  "C4'"  C N R 197 
DT  "O4'"  O N N 198 
DT  "C3'"  C N S 199 
DT  "O3'"  O N N 200 
DT  "C2'"  C N N 201 
DT  "C1'"  C N R 202 
DT  N1     N N N 203 
DT  C2     C N N 204 
DT  O2     O N N 205 
DT  N3     N N N 206 
DT  C4     C N N 207 
DT  O4     O N N 208 
DT  C5     C N N 209 
DT  C7     C N N 210 
DT  C6     C N N 211 
DT  HOP3   H N N 212 
DT  HOP2   H N N 213 
DT  "H5'"  H N N 214 
DT  "H5''" H N N 215 
DT  "H4'"  H N N 216 
DT  "H3'"  H N N 217 
DT  "HO3'" H N N 218 
DT  "H2'"  H N N 219 
DT  "H2''" H N N 220 
DT  "H1'"  H N N 221 
DT  H3     H N N 222 
DT  H71    H N N 223 
DT  H72    H N N 224 
DT  H73    H N N 225 
DT  H6     H N N 226 
HOH O      O N N 227 
HOH H1     H N N 228 
HOH H2     H N N 229 
# 
loop_
_chem_comp_bond.comp_id 
_chem_comp_bond.atom_id_1 
_chem_comp_bond.atom_id_2 
_chem_comp_bond.value_order 
_chem_comp_bond.pdbx_aromatic_flag 
_chem_comp_bond.pdbx_stereo_config 
_chem_comp_bond.pdbx_ordinal 
DA  OP3   P      sing N N 1   
DA  OP3   HOP3   sing N N 2   
DA  P     OP1    doub N N 3   
DA  P     OP2    sing N N 4   
DA  P     "O5'"  sing N N 5   
DA  OP2   HOP2   sing N N 6   
DA  "O5'" "C5'"  sing N N 7   
DA  "C5'" "C4'"  sing N N 8   
DA  "C5'" "H5'"  sing N N 9   
DA  "C5'" "H5''" sing N N 10  
DA  "C4'" "O4'"  sing N N 11  
DA  "C4'" "C3'"  sing N N 12  
DA  "C4'" "H4'"  sing N N 13  
DA  "O4'" "C1'"  sing N N 14  
DA  "C3'" "O3'"  sing N N 15  
DA  "C3'" "C2'"  sing N N 16  
DA  "C3'" "H3'"  sing N N 17  
DA  "O3'" "HO3'" sing N N 18  
DA  "C2'" "C1'"  sing N N 19  
DA  "C2'" "H2'"  sing N N 20  
DA  "C2'" "H2''" sing N N 21  
DA  "C1'" N9     sing N N 22  
DA  "C1'" "H1'"  sing N N 23  
DA  N9    C8     sing Y N 24  
DA  N9    C4     sing Y N 25  
DA  C8    N7     doub Y N 26  
DA  C8    H8     sing N N 27  
DA  N7    C5     sing Y N 28  
DA  C5    C6     sing Y N 29  
DA  C5    C4     doub Y N 30  
DA  C6    N6     sing N N 31  
DA  C6    N1     doub Y N 32  
DA  N6    H61    sing N N 33  
DA  N6    H62    sing N N 34  
DA  N1    C2     sing Y N 35  
DA  C2    N3     doub Y N 36  
DA  C2    H2     sing N N 37  
DA  N3    C4     sing Y N 38  
DC  OP3   P      sing N N 39  
DC  OP3   HOP3   sing N N 40  
DC  P     OP1    doub N N 41  
DC  P     OP2    sing N N 42  
DC  P     "O5'"  sing N N 43  
DC  OP2   HOP2   sing N N 44  
DC  "O5'" "C5'"  sing N N 45  
DC  "C5'" "C4'"  sing N N 46  
DC  "C5'" "H5'"  sing N N 47  
DC  "C5'" "H5''" sing N N 48  
DC  "C4'" "O4'"  sing N N 49  
DC  "C4'" "C3'"  sing N N 50  
DC  "C4'" "H4'"  sing N N 51  
DC  "O4'" "C1'"  sing N N 52  
DC  "C3'" "O3'"  sing N N 53  
DC  "C3'" "C2'"  sing N N 54  
DC  "C3'" "H3'"  sing N N 55  
DC  "O3'" "HO3'" sing N N 56  
DC  "C2'" "C1'"  sing N N 57  
DC  "C2'" "H2'"  sing N N 58  
DC  "C2'" "H2''" sing N N 59  
DC  "C1'" N1     sing N N 60  
DC  "C1'" "H1'"  sing N N 61  
DC  N1    C2     sing N N 62  
DC  N1    C6     sing N N 63  
DC  C2    O2     doub N N 64  
DC  C2    N3     sing N N 65  
DC  N3    C4     doub N N 66  
DC  C4    N4     sing N N 67  
DC  C4    C5     sing N N 68  
DC  N4    H41    sing N N 69  
DC  N4    H42    sing N N 70  
DC  C5    C6     doub N N 71  
DC  C5    H5     sing N N 72  
DC  C6    H6     sing N N 73  
DG  OP3   P      sing N N 74  
DG  OP3   HOP3   sing N N 75  
DG  P     OP1    doub N N 76  
DG  P     OP2    sing N N 77  
DG  P     "O5'"  sing N N 78  
DG  OP2   HOP2   sing N N 79  
DG  "O5'" "C5'"  sing N N 80  
DG  "C5'" "C4'"  sing N N 81  
DG  "C5'" "H5'"  sing N N 82  
DG  "C5'" "H5''" sing N N 83  
DG  "C4'" "O4'"  sing N N 84  
DG  "C4'" "C3'"  sing N N 85  
DG  "C4'" "H4'"  sing N N 86  
DG  "O4'" "C1'"  sing N N 87  
DG  "C3'" "O3'"  sing N N 88  
DG  "C3'" "C2'"  sing N N 89  
DG  "C3'" "H3'"  sing N N 90  
DG  "O3'" "HO3'" sing N N 91  
DG  "C2'" "C1'"  sing N N 92  
DG  "C2'" "H2'"  sing N N 93  
DG  "C2'" "H2''" sing N N 94  
DG  "C1'" N9     sing N N 95  
DG  "C1'" "H1'"  sing N N 96  
DG  N9    C8     sing Y N 97  
DG  N9    C4     sing Y N 98  
DG  C8    N7     doub Y N 99  
DG  C8    H8     sing N N 100 
DG  N7    C5     sing Y N 101 
DG  C5    C6     sing N N 102 
DG  C5    C4     doub Y N 103 
DG  C6    O6     doub N N 104 
DG  C6    N1     sing N N 105 
DG  N1    C2     sing N N 106 
DG  N1    H1     sing N N 107 
DG  C2    N2     sing N N 108 
DG  C2    N3     doub N N 109 
DG  N2    H21    sing N N 110 
DG  N2    H22    sing N N 111 
DG  N3    C4     sing N N 112 
DM9 C1    C2     doub Y N 113 
DM9 C1    C15    sing Y N 114 
DM9 C1    H1     sing N N 115 
DM9 C2    C3     sing Y N 116 
DM9 C2    H2     sing N N 117 
DM9 C3    C4     doub Y N 118 
DM9 C3    H3     sing N N 119 
DM9 C4    O4     sing N N 120 
DM9 C4    C16    sing Y N 121 
DM9 O4    C21    sing N N 122 
DM9 C5    O5     sing N N 123 
DM9 C5    C16    doub Y N 124 
DM9 C5    C17    sing Y N 125 
DM9 O5    HO5    sing N N 126 
DM9 C6    O6     sing N N 127 
DM9 C6    C17    doub Y N 128 
DM9 C6    C20    sing Y N 129 
DM9 O6    HO6    sing N N 130 
DM9 C7    O7     sing N N 131 
DM9 C7    C8     sing N N 132 
DM9 C7    C20    sing N N 133 
DM9 C7    H7     sing N N 134 
DM9 O7    "C1'"  sing N N 135 
DM9 C8    C9     sing N N 136 
DM9 C8    H81    sing N N 137 
DM9 C8    H82    sing N N 138 
DM9 C9    O9     sing N N 139 
DM9 C9    C10    sing N N 140 
DM9 C9    C13    sing N N 141 
DM9 O9    HO9    sing N N 142 
DM9 C10   C19    sing N N 143 
DM9 C10   H101   sing N N 144 
DM9 C10   H102   sing N N 145 
DM9 C11   O11    sing N N 146 
DM9 C11   C18    doub Y N 147 
DM9 C11   C19    sing Y N 148 
DM9 O11   HO11   sing N N 149 
DM9 C12   O12    sing N N 150 
DM9 C12   C15    doub Y N 151 
DM9 C12   C18    sing Y N 152 
DM9 O12   HO12   sing N N 153 
DM9 C13   O13    doub N N 154 
DM9 C13   C14    sing N N 155 
DM9 C14   H141   sing N N 156 
DM9 C14   H142   sing N N 157 
DM9 C14   H143   sing N N 158 
DM9 C15   C16    sing Y N 159 
DM9 C17   C18    sing Y N 160 
DM9 C19   C20    doub Y N 161 
DM9 C21   H211   sing N N 162 
DM9 C21   H212   sing N N 163 
DM9 C21   H213   sing N N 164 
DM9 "C1'" "C2'"  sing N N 165 
DM9 "C1'" "O5'"  sing N N 166 
DM9 "C1'" "H1'"  sing N N 167 
DM9 "C2'" "C3'"  sing N N 168 
DM9 "C2'" "H2'1" sing N N 169 
DM9 "C2'" "H2'2" sing N N 170 
DM9 "C3'" "C4'"  sing N N 171 
DM9 "C3'" "N3'"  sing N N 172 
DM9 "C3'" "H3'"  sing N N 173 
DM9 "C4'" "O4'"  sing N N 174 
DM9 "C4'" "C5'"  sing N N 175 
DM9 "C4'" "H4'"  sing N N 176 
DM9 "O4'" "HO4'" sing N N 177 
DM9 "C5'" "O5'"  sing N N 178 
DM9 "C5'" "C6'"  sing N N 179 
DM9 "C5'" "H5'"  sing N N 180 
DM9 "C6'" "H6'1" sing N N 181 
DM9 "C6'" "H6'2" sing N N 182 
DM9 "C6'" "H6'3" sing N N 183 
DM9 "N3'" C31    sing N N 184 
DM9 "N3'" C41    sing N N 185 
DM9 C31   O31    sing N N 186 
DM9 C31   H311   sing N N 187 
DM9 C31   H312   sing N N 188 
DM9 O31   HO31   sing N N 189 
DM9 C41   C42    sing N N 190 
DM9 C41   H411   sing N N 191 
DM9 C41   H412   sing N N 192 
DM9 C42   O42    sing N N 193 
DM9 C42   H421   sing N N 194 
DM9 C42   H422   sing N N 195 
DM9 O42   C43    sing N N 196 
DM9 C43   H431   sing N N 197 
DM9 C43   H432   sing N N 198 
DM9 C43   H433   sing N N 199 
DT  OP3   P      sing N N 200 
DT  OP3   HOP3   sing N N 201 
DT  P     OP1    doub N N 202 
DT  P     OP2    sing N N 203 
DT  P     "O5'"  sing N N 204 
DT  OP2   HOP2   sing N N 205 
DT  "O5'" "C5'"  sing N N 206 
DT  "C5'" "C4'"  sing N N 207 
DT  "C5'" "H5'"  sing N N 208 
DT  "C5'" "H5''" sing N N 209 
DT  "C4'" "O4'"  sing N N 210 
DT  "C4'" "C3'"  sing N N 211 
DT  "C4'" "H4'"  sing N N 212 
DT  "O4'" "C1'"  sing N N 213 
DT  "C3'" "O3'"  sing N N 214 
DT  "C3'" "C2'"  sing N N 215 
DT  "C3'" "H3'"  sing N N 216 
DT  "O3'" "HO3'" sing N N 217 
DT  "C2'" "C1'"  sing N N 218 
DT  "C2'" "H2'"  sing N N 219 
DT  "C2'" "H2''" sing N N 220 
DT  "C1'" N1     sing N N 221 
DT  "C1'" "H1'"  sing N N 222 
DT  N1    C2     sing N N 223 
DT  N1    C6     sing N N 224 
DT  C2    O2     doub N N 225 
DT  C2    N3     sing N N 226 
DT  N3    C4     sing N N 227 
DT  N3    H3     sing N N 228 
DT  C4    O4     doub N N 229 
DT  C4    C5     sing N N 230 
DT  C5    C7     sing N N 231 
DT  C5    C6     doub N N 232 
DT  C7    H71    sing N N 233 
DT  C7    H72    sing N N 234 
DT  C7    H73    sing N N 235 
DT  C6    H6     sing N N 236 
HOH O     H1     sing N N 237 
HOH O     H2     sing N N 238 
# 
_ndb_struct_conf_na.entry_id   482D 
_ndb_struct_conf_na.feature    'b-form double helix' 
# 
loop_
_ndb_struct_na_base_pair.model_number 
_ndb_struct_na_base_pair.i_label_asym_id 
_ndb_struct_na_base_pair.i_label_comp_id 
_ndb_struct_na_base_pair.i_label_seq_id 
_ndb_struct_na_base_pair.i_symmetry 
_ndb_struct_na_base_pair.j_label_asym_id 
_ndb_struct_na_base_pair.j_label_comp_id 
_ndb_struct_na_base_pair.j_label_seq_id 
_ndb_struct_na_base_pair.j_symmetry 
_ndb_struct_na_base_pair.shear 
_ndb_struct_na_base_pair.stretch 
_ndb_struct_na_base_pair.stagger 
_ndb_struct_na_base_pair.buckle 
_ndb_struct_na_base_pair.propeller 
_ndb_struct_na_base_pair.opening 
_ndb_struct_na_base_pair.pair_number 
_ndb_struct_na_base_pair.pair_name 
_ndb_struct_na_base_pair.i_auth_asym_id 
_ndb_struct_na_base_pair.i_auth_seq_id 
_ndb_struct_na_base_pair.i_PDB_ins_code 
_ndb_struct_na_base_pair.j_auth_asym_id 
_ndb_struct_na_base_pair.j_auth_seq_id 
_ndb_struct_na_base_pair.j_PDB_ins_code 
_ndb_struct_na_base_pair.hbond_type_28 
_ndb_struct_na_base_pair.hbond_type_12 
1 A DC 1 1_555 A DG 6 8_665 0.121  -0.098 -0.041 8.628   -0.910 -1.450 1 A_DC1:DG6_A A 1 ? A 6 ? 19 1 
1 A DG 2 1_555 A DC 5 8_665 -0.340 -0.105 -0.281 -13.973 3.057  1.799  2 A_DG2:DC5_A A 2 ? A 5 ? 19 1 
1 A DA 3 1_555 A DT 4 8_665 -0.027 -0.031 -0.154 -11.686 -1.102 3.330  3 A_DA3:DT4_A A 3 ? A 4 ? 20 1 
1 A DT 4 1_555 A DA 3 8_665 0.027  -0.031 -0.154 11.686  -1.102 3.330  4 A_DT4:DA3_A A 4 ? A 3 ? 20 1 
1 A DC 5 1_555 A DG 2 8_665 0.340  -0.105 -0.281 13.973  3.057  1.799  5 A_DC5:DG2_A A 5 ? A 2 ? 19 1 
1 A DG 6 1_555 A DC 1 8_665 -0.121 -0.098 -0.041 -8.628  -0.910 -1.450 6 A_DG6:DC1_A A 6 ? A 1 ? 19 1 
# 
loop_
_ndb_struct_na_base_pair_step.model_number 
_ndb_struct_na_base_pair_step.i_label_asym_id_1 
_ndb_struct_na_base_pair_step.i_label_comp_id_1 
_ndb_struct_na_base_pair_step.i_label_seq_id_1 
_ndb_struct_na_base_pair_step.i_symmetry_1 
_ndb_struct_na_base_pair_step.j_label_asym_id_1 
_ndb_struct_na_base_pair_step.j_label_comp_id_1 
_ndb_struct_na_base_pair_step.j_label_seq_id_1 
_ndb_struct_na_base_pair_step.j_symmetry_1 
_ndb_struct_na_base_pair_step.i_label_asym_id_2 
_ndb_struct_na_base_pair_step.i_label_comp_id_2 
_ndb_struct_na_base_pair_step.i_label_seq_id_2 
_ndb_struct_na_base_pair_step.i_symmetry_2 
_ndb_struct_na_base_pair_step.j_label_asym_id_2 
_ndb_struct_na_base_pair_step.j_label_comp_id_2 
_ndb_struct_na_base_pair_step.j_label_seq_id_2 
_ndb_struct_na_base_pair_step.j_symmetry_2 
_ndb_struct_na_base_pair_step.shift 
_ndb_struct_na_base_pair_step.slide 
_ndb_struct_na_base_pair_step.rise 
_ndb_struct_na_base_pair_step.tilt 
_ndb_struct_na_base_pair_step.roll 
_ndb_struct_na_base_pair_step.twist 
_ndb_struct_na_base_pair_step.x_displacement 
_ndb_struct_na_base_pair_step.y_displacement 
_ndb_struct_na_base_pair_step.helical_rise 
_ndb_struct_na_base_pair_step.inclination 
_ndb_struct_na_base_pair_step.tip 
_ndb_struct_na_base_pair_step.helical_twist 
_ndb_struct_na_base_pair_step.step_number 
_ndb_struct_na_base_pair_step.step_name 
_ndb_struct_na_base_pair_step.i_auth_asym_id_1 
_ndb_struct_na_base_pair_step.i_auth_seq_id_1 
_ndb_struct_na_base_pair_step.i_PDB_ins_code_1 
_ndb_struct_na_base_pair_step.j_auth_asym_id_1 
_ndb_struct_na_base_pair_step.j_auth_seq_id_1 
_ndb_struct_na_base_pair_step.j_PDB_ins_code_1 
_ndb_struct_na_base_pair_step.i_auth_asym_id_2 
_ndb_struct_na_base_pair_step.i_auth_seq_id_2 
_ndb_struct_na_base_pair_step.i_PDB_ins_code_2 
_ndb_struct_na_base_pair_step.j_auth_asym_id_2 
_ndb_struct_na_base_pair_step.j_auth_seq_id_2 
_ndb_struct_na_base_pair_step.j_PDB_ins_code_2 
1 A DC 1 1_555 A DG 6 8_665 A DG 2 1_555 A DC 5 8_665 1.351  1.089  7.016 1.803  -2.106 33.526 2.620  -1.703 6.998 -3.642 -3.119 
33.637 1 AA_DC1DG2:DC5DG6_AA A 1 ? A 6 ? A 2 ? A 5 ? 
1 A DG 2 1_555 A DC 5 8_665 A DA 3 1_555 A DT 4 8_665 -1.107 0.480  3.397 -4.416 1.060  33.471 0.644  1.146  3.523 1.830  7.624  
33.768 2 AA_DG2DA3:DT4DC5_AA A 2 ? A 5 ? A 3 ? A 4 ? 
1 A DA 3 1_555 A DT 4 8_665 A DT 4 1_555 A DA 3 8_665 0.000  -0.451 2.917 0.000  6.038  29.686 -1.935 0.000  2.773 11.634 0.000  
30.280 3 AA_DA3DT4:DA3DT4_AA A 3 ? A 4 ? A 4 ? A 3 ? 
1 A DT 4 1_555 A DA 3 8_665 A DC 5 1_555 A DG 2 8_665 1.107  0.480  3.397 4.416  1.060  33.471 0.644  -1.146 3.523 1.830  -7.624 
33.768 4 AA_DT4DC5:DG2DA3_AA A 4 ? A 3 ? A 5 ? A 2 ? 
1 A DC 5 1_555 A DG 2 8_665 A DG 6 1_555 A DC 1 8_665 -1.351 1.089  7.016 -1.803 -2.106 33.526 2.620  1.703  6.998 -3.642 3.119  
33.637 5 AA_DC5DG6:DC1DG2_AA A 5 ? A 2 ? A 6 ? A 1 ? 
# 
_pdbx_initial_refinement_model.accession_code   ? 
_pdbx_initial_refinement_model.id               1 
_pdbx_initial_refinement_model.entity_id_list   ? 
_pdbx_initial_refinement_model.type             'experimental model' 
_pdbx_initial_refinement_model.source_name      Other 
_pdbx_initial_refinement_model.details          'SEE REFERENCE 2' 
# 
_atom_sites.entry_id                    482D 
_atom_sites.fract_transf_matrix[1][1]   -0.01716362 
_atom_sites.fract_transf_matrix[1][2]   0.02897064 
_atom_sites.fract_transf_matrix[1][3]   0.01127578 
_atom_sites.fract_transf_matrix[2][1]   0.02237245 
_atom_sites.fract_transf_matrix[2][2]   0.00256771 
_atom_sites.fract_transf_matrix[2][3]   0.02745744 
_atom_sites.fract_transf_matrix[3][1]   0.01138244 
_atom_sites.fract_transf_matrix[3][2]   0.01074433 
_atom_sites.fract_transf_matrix[3][3]   -0.01027923 
_atom_sites.fract_transf_vector[1]      0.594661 
_atom_sites.fract_transf_vector[2]      0.527928 
_atom_sites.fract_transf_vector[3]      0.210595 
# 
loop_
_atom_type.symbol 
C 
N 
O 
P 
# 
loop_
_atom_site.group_PDB 
_atom_site.id 
_atom_site.type_symbol 
_atom_site.label_atom_id 
_atom_site.label_alt_id 
_atom_site.label_comp_id 
_atom_site.label_asym_id 
_atom_site.label_entity_id 
_atom_site.label_seq_id 
_atom_site.pdbx_PDB_ins_code 
_atom_site.Cartn_x 
_atom_site.Cartn_y 
_atom_site.Cartn_z 
_atom_site.occupancy 
_atom_site.B_iso_or_equiv 
_atom_site.pdbx_formal_charge 
_atom_site.auth_seq_id 
_atom_site.auth_comp_id 
_atom_site.auth_asym_id 
_atom_site.auth_atom_id 
_atom_site.pdbx_PDB_model_num 
ATOM   1   O "O5'" . DC  A 1 1 ? 14.135  1.180   -4.774  1.00 19.10 ? 1  DC  A "O5'" 1 
ATOM   2   C "C5'" . DC  A 1 1 ? 15.027  2.044   -4.068  1.00 18.34 ? 1  DC  A "C5'" 1 
ATOM   3   C "C4'" . DC  A 1 1 ? 14.440  3.432   -3.981  1.00 18.38 ? 1  DC  A "C4'" 1 
ATOM   4   O "O4'" . DC  A 1 1 ? 14.137  3.925   -5.303  1.00 17.64 ? 1  DC  A "O4'" 1 
ATOM   5   C "C3'" . DC  A 1 1 ? 13.126  3.486   -3.191  1.00 18.96 ? 1  DC  A "C3'" 1 
ATOM   6   O "O3'" . DC  A 1 1 ? 13.201  4.623   -2.355  1.00 20.16 ? 1  DC  A "O3'" 1 
ATOM   7   C "C2'" . DC  A 1 1 ? 12.058  3.748   -4.236  1.00 17.65 ? 1  DC  A "C2'" 1 
ATOM   8   C "C1'" . DC  A 1 1 ? 12.811  4.439   -5.352  1.00 16.98 ? 1  DC  A "C1'" 1 
ATOM   9   N N1    . DC  A 1 1 ? 12.249  4.088   -6.649  1.00 15.41 ? 1  DC  A N1    1 
ATOM   10  C C2    . DC  A 1 1 ? 11.269  4.920   -7.206  1.00 14.73 ? 1  DC  A C2    1 
ATOM   11  O O2    . DC  A 1 1 ? 10.965  5.982   -6.607  1.00 14.93 ? 1  DC  A O2    1 
ATOM   12  N N3    . DC  A 1 1 ? 10.685  4.551   -8.356  1.00 13.69 ? 1  DC  A N3    1 
ATOM   13  C C4    . DC  A 1 1 ? 11.025  3.414   -8.948  1.00 13.14 ? 1  DC  A C4    1 
ATOM   14  N N4    . DC  A 1 1 ? 10.424  3.107   -10.071 1.00 13.09 ? 1  DC  A N4    1 
ATOM   15  C C5    . DC  A 1 1 ? 12.000  2.542   -8.406  1.00 13.48 ? 1  DC  A C5    1 
ATOM   16  C C6    . DC  A 1 1 ? 12.585  2.915   -7.265  1.00 14.48 ? 1  DC  A C6    1 
ATOM   17  P P     . DG  A 1 2 ? 13.056  4.450   -0.783  1.00 21.33 ? 2  DG  A P     1 
ATOM   18  O OP1   . DG  A 1 2 ? 13.546  5.727   -0.234  1.00 21.68 ? 2  DG  A OP1   1 
ATOM   19  O OP2   . DG  A 1 2 ? 13.648  3.171   -0.363  1.00 21.30 ? 2  DG  A OP2   1 
ATOM   20  O "O5'" . DG  A 1 2 ? 11.491  4.410   -0.564  1.00 20.80 ? 2  DG  A "O5'" 1 
ATOM   21  C "C5'" . DG  A 1 2 ? 10.698  5.559   -0.804  1.00 19.83 ? 2  DG  A "C5'" 1 
ATOM   22  C "C4'" . DG  A 1 2 ? 9.244   5.186   -0.663  1.00 19.64 ? 2  DG  A "C4'" 1 
ATOM   23  O "O4'" . DG  A 1 2 ? 8.835   4.374   -1.778  1.00 18.33 ? 2  DG  A "O4'" 1 
ATOM   24  C "C3'" . DG  A 1 2 ? 8.926   4.361   0.592   1.00 19.68 ? 2  DG  A "C3'" 1 
ATOM   25  O "O3'" . DG  A 1 2 ? 7.639   4.808   0.973   1.00 22.21 ? 2  DG  A "O3'" 1 
ATOM   26  C "C2'" . DG  A 1 2 ? 8.715   2.967   0.041   1.00 18.74 ? 2  DG  A "C2'" 1 
ATOM   27  C "C1'" . DG  A 1 2 ? 8.064   3.305   -1.279  1.00 17.66 ? 2  DG  A "C1'" 1 
ATOM   28  N N9    . DG  A 1 2 ? 8.022   2.253   -2.290  1.00 16.36 ? 2  DG  A N9    1 
ATOM   29  C C8    . DG  A 1 2 ? 8.846   1.161   -2.394  1.00 15.68 ? 2  DG  A C8    1 
ATOM   30  N N7    . DG  A 1 2 ? 8.507   0.353   -3.362  1.00 15.40 ? 2  DG  A N7    1 
ATOM   31  C C5    . DG  A 1 2 ? 7.380   0.939   -3.924  1.00 14.92 ? 2  DG  A C5    1 
ATOM   32  C C6    . DG  A 1 2 ? 6.566   0.530   -5.007  1.00 13.92 ? 2  DG  A C6    1 
ATOM   33  O O6    . DG  A 1 2 ? 6.652   -0.483  -5.681  1.00 14.38 ? 2  DG  A O6    1 
ATOM   34  N N1    . DG  A 1 2 ? 5.562   1.446   -5.266  1.00 12.91 ? 2  DG  A N1    1 
ATOM   35  C C2    . DG  A 1 2 ? 5.341   2.595   -4.557  1.00 12.64 ? 2  DG  A C2    1 
ATOM   36  N N2    . DG  A 1 2 ? 4.318   3.343   -4.950  1.00 12.53 ? 2  DG  A N2    1 
ATOM   37  N N3    . DG  A 1 2 ? 6.067   2.981   -3.535  1.00 13.53 ? 2  DG  A N3    1 
ATOM   38  C C4    . DG  A 1 2 ? 7.071   2.119   -3.278  1.00 15.08 ? 2  DG  A C4    1 
ATOM   39  P P     . DA  A 1 3 ? 7.345   5.251   2.480   1.00 23.43 ? 3  DA  A P     1 
ATOM   40  O OP1   . DA  A 1 3 ? 8.183   6.414   2.800   1.00 23.63 ? 3  DA  A OP1   1 
ATOM   41  O OP2   . DA  A 1 3 ? 7.348   4.038   3.330   1.00 23.98 ? 3  DA  A OP2   1 
ATOM   42  O "O5'" . DA  A 1 3 ? 5.842   5.764   2.392   1.00 22.94 ? 3  DA  A "O5'" 1 
ATOM   43  C "C5'" . DA  A 1 3 ? 5.517   6.903   1.593   1.00 21.65 ? 3  DA  A "C5'" 1 
ATOM   44  C "C4'" . DA  A 1 3 ? 4.184   6.693   0.920   1.00 20.54 ? 3  DA  A "C4'" 1 
ATOM   45  O "O4'" . DA  A 1 3 ? 4.376   5.724   -0.130  1.00 19.73 ? 3  DA  A "O4'" 1 
ATOM   46  C "C3'" . DA  A 1 3 ? 3.114   6.118   1.852   1.00 20.54 ? 3  DA  A "C3'" 1 
ATOM   47  O "O3'" . DA  A 1 3 ? 2.011   7.002   1.865   1.00 20.89 ? 3  DA  A "O3'" 1 
ATOM   48  C "C2'" . DA  A 1 3 ? 2.646   4.845   1.178   1.00 20.12 ? 3  DA  A "C2'" 1 
ATOM   49  C "C1'" . DA  A 1 3 ? 3.250   4.883   -0.213  1.00 19.19 ? 3  DA  A "C1'" 1 
ATOM   50  N N9    . DA  A 1 3 ? 3.722   3.559   -0.582  1.00 17.23 ? 3  DA  A N9    1 
ATOM   51  C C8    . DA  A 1 3 ? 4.792   2.882   -0.048  1.00 16.69 ? 3  DA  A C8    1 
ATOM   52  N N7    . DA  A 1 3 ? 4.981   1.706   -0.578  1.00 15.74 ? 3  DA  A N7    1 
ATOM   53  C C5    . DA  A 1 3 ? 3.969   1.602   -1.526  1.00 14.88 ? 3  DA  A C5    1 
ATOM   54  C C6    . DA  A 1 3 ? 3.634   0.596   -2.432  1.00 13.82 ? 3  DA  A C6    1 
ATOM   55  N N6    . DA  A 1 3 ? 4.292   -0.544  -2.508  1.00 12.63 ? 3  DA  A N6    1 
ATOM   56  N N1    . DA  A 1 3 ? 2.583   0.814   -3.257  1.00 13.35 ? 3  DA  A N1    1 
ATOM   57  C C2    . DA  A 1 3 ? 1.903   1.964   -3.147  1.00 13.41 ? 3  DA  A C2    1 
ATOM   58  N N3    . DA  A 1 3 ? 2.112   2.989   -2.313  1.00 14.43 ? 3  DA  A N3    1 
ATOM   59  C C4    . DA  A 1 3 ? 3.180   2.737   -1.531  1.00 15.58 ? 3  DA  A C4    1 
ATOM   60  P P     . DT  A 1 4 ? 0.824   6.770   2.914   1.00 21.44 ? 4  DT  A P     1 
ATOM   61  O OP1   . DT  A 1 4 ? 0.227   8.143   3.048   1.00 21.43 ? 4  DT  A OP1   1 
ATOM   62  O OP2   . DT  A 1 4 ? 1.325   6.048   4.080   1.00 21.41 ? 4  DT  A OP2   1 
ATOM   63  O "O5'" . DT  A 1 4 ? -0.163  5.826   2.111   1.00 19.79 ? 4  DT  A "O5'" 1 
ATOM   64  C "C5'" . DT  A 1 4 ? -0.891  6.343   0.987   1.00 18.14 ? 4  DT  A "C5'" 1 
ATOM   65  C "C4'" . DT  A 1 4 ? -1.767  5.271   0.387   1.00 17.07 ? 4  DT  A "C4'" 1 
ATOM   66  O "O4'" . DT  A 1 4 ? -0.959  4.177   -0.051  1.00 16.56 ? 4  DT  A "O4'" 1 
ATOM   67  C "C3'" . DT  A 1 4 ? -2.801  4.683   1.352   1.00 17.34 ? 4  DT  A "C3'" 1 
ATOM   68  O "O3'" . DT  A 1 4 ? -4.078  4.829   0.726   1.00 18.54 ? 4  DT  A "O3'" 1 
ATOM   69  C "C2'" . DT  A 1 4 ? -2.448  3.208   1.459   1.00 16.70 ? 4  DT  A "C2'" 1 
ATOM   70  C "C1'" . DT  A 1 4 ? -1.625  2.960   0.214   1.00 16.36 ? 4  DT  A "C1'" 1 
ATOM   71  N N1    . DT  A 1 4 ? -0.604  1.926   0.361   1.00 15.46 ? 4  DT  A N1    1 
ATOM   72  C C2    . DT  A 1 4 ? -0.567  0.982   -0.625  1.00 15.15 ? 4  DT  A C2    1 
ATOM   73  O O2    . DT  A 1 4 ? -1.412  0.936   -1.507  1.00 15.65 ? 4  DT  A O2    1 
ATOM   74  N N3    . DT  A 1 4 ? 0.478   0.106   -0.544  1.00 14.50 ? 4  DT  A N3    1 
ATOM   75  C C4    . DT  A 1 4 ? 1.478   0.084   0.413   1.00 14.58 ? 4  DT  A C4    1 
ATOM   76  O O4    . DT  A 1 4 ? 2.349   -0.775  0.377   1.00 14.46 ? 4  DT  A O4    1 
ATOM   77  C C5    . DT  A 1 4 ? 1.393   1.126   1.418   1.00 14.99 ? 4  DT  A C5    1 
ATOM   78  C C7    . DT  A 1 4 ? 2.444   1.190   2.481   1.00 15.13 ? 4  DT  A C7    1 
ATOM   79  C C6    . DT  A 1 4 ? 0.366   1.988   1.342   1.00 15.33 ? 4  DT  A C6    1 
ATOM   80  P P     . DC  A 1 5 ? -5.405  4.803   1.608   1.00 19.69 ? 5  DC  A P     1 
ATOM   81  O OP1   . DC  A 1 5 ? -6.409  5.616   0.917   1.00 19.54 ? 5  DC  A OP1   1 
ATOM   82  O OP2   . DC  A 1 5 ? -5.079  5.072   3.031   1.00 19.51 ? 5  DC  A OP2   1 
ATOM   83  O "O5'" . DC  A 1 5 ? -5.840  3.281   1.542   1.00 18.81 ? 5  DC  A "O5'" 1 
ATOM   84  C "C5'" . DC  A 1 5 ? -6.354  2.719   0.340   1.00 18.40 ? 5  DC  A "C5'" 1 
ATOM   85  C "C4'" . DC  A 1 5 ? -6.383  1.217   0.471   1.00 18.01 ? 5  DC  A "C4'" 1 
ATOM   86  O "O4'" . DC  A 1 5 ? -5.032  0.720   0.516   1.00 17.20 ? 5  DC  A "O4'" 1 
ATOM   87  C "C3'" . DC  A 1 5 ? -7.047  0.735   1.765   1.00 18.16 ? 5  DC  A "C3'" 1 
ATOM   88  O "O3'" . DC  A 1 5 ? -7.779  -0.444  1.423   1.00 19.71 ? 5  DC  A "O3'" 1 
ATOM   89  C "C2'" . DC  A 1 5 ? -5.872  0.310   2.627   1.00 17.25 ? 5  DC  A "C2'" 1 
ATOM   90  C "C1'" . DC  A 1 5 ? -4.943  -0.215  1.557   1.00 16.78 ? 5  DC  A "C1'" 1 
ATOM   91  N N1    . DC  A 1 5 ? -3.527  -0.382  1.902   1.00 16.21 ? 5  DC  A N1    1 
ATOM   92  C C2    . DC  A 1 5 ? -2.795  -1.406  1.240   1.00 15.63 ? 5  DC  A C2    1 
ATOM   93  O O2    . DC  A 1 5 ? -3.286  -1.963  0.257   1.00 15.00 ? 5  DC  A O2    1 
ATOM   94  N N3    . DC  A 1 5 ? -1.570  -1.746  1.712   1.00 15.57 ? 5  DC  A N3    1 
ATOM   95  C C4    . DC  A 1 5 ? -1.079  -1.135  2.799   1.00 15.30 ? 5  DC  A C4    1 
ATOM   96  N N4    . DC  A 1 5 ? 0.096   -1.549  3.266   1.00 14.83 ? 5  DC  A N4    1 
ATOM   97  C C5    . DC  A 1 5 ? -1.788  -0.086  3.469   1.00 15.47 ? 5  DC  A C5    1 
ATOM   98  C C6    . DC  A 1 5 ? -2.997  0.253   2.994   1.00 15.82 ? 5  DC  A C6    1 
ATOM   99  P P     . DG  A 1 6 ? -9.371  -0.389  1.319   1.00 20.68 ? 6  DG  A P     1 
ATOM   100 O OP1   . DG  A 1 6 ? -9.712  0.592   0.229   1.00 21.15 ? 6  DG  A OP1   1 
ATOM   101 O OP2   . DG  A 1 6 ? -9.862  -0.195  2.695   1.00 20.35 ? 6  DG  A OP2   1 
ATOM   102 O "O5'" . DG  A 1 6 ? -9.759  -1.848  0.823   1.00 19.91 ? 6  DG  A "O5'" 1 
ATOM   103 C "C5'" . DG  A 1 6 ? -9.418  -2.284  -0.502  1.00 18.42 ? 6  DG  A "C5'" 1 
ATOM   104 C "C4'" . DG  A 1 6 ? -9.840  -3.726  -0.690  1.00 17.79 ? 6  DG  A "C4'" 1 
ATOM   105 O "O4'" . DG  A 1 6 ? -8.993  -4.588  0.107   1.00 17.45 ? 6  DG  A "O4'" 1 
ATOM   106 C "C3'" . DG  A 1 6 ? -11.266 -4.035  -0.253  1.00 17.32 ? 6  DG  A "C3'" 1 
ATOM   107 O "O3'" . DG  A 1 6 ? -11.778 -5.037  -1.142  1.00 17.30 ? 6  DG  A "O3'" 1 
ATOM   108 C "C2'" . DG  A 1 6 ? -11.077 -4.450  1.192   1.00 16.87 ? 6  DG  A "C2'" 1 
ATOM   109 C "C1'" . DG  A 1 6 ? -9.757  -5.204  1.143   1.00 16.46 ? 6  DG  A "C1'" 1 
ATOM   110 N N9    . DG  A 1 6 ? -8.960  -5.187  2.364   1.00 15.39 ? 6  DG  A N9    1 
ATOM   111 C C8    . DG  A 1 6 ? -8.941  -4.212  3.325   1.00 15.00 ? 6  DG  A C8    1 
ATOM   112 N N7    . DG  A 1 6 ? -7.972  -4.359  4.191   1.00 14.51 ? 6  DG  A N7    1 
ATOM   113 C C5    . DG  A 1 6 ? -7.313  -5.506  3.781   1.00 14.52 ? 6  DG  A C5    1 
ATOM   114 C C6    . DG  A 1 6 ? -6.191  -6.191  4.355   1.00 13.81 ? 6  DG  A C6    1 
ATOM   115 O O6    . DG  A 1 6 ? -5.539  -5.880  5.360   1.00 14.14 ? 6  DG  A O6    1 
ATOM   116 N N1    . DG  A 1 6 ? -5.865  -7.339  3.631   1.00 13.39 ? 6  DG  A N1    1 
ATOM   117 C C2    . DG  A 1 6 ? -6.518  -7.770  2.502   1.00 13.16 ? 6  DG  A C2    1 
ATOM   118 N N2    . DG  A 1 6 ? -6.068  -8.882  1.942   1.00 13.10 ? 6  DG  A N2    1 
ATOM   119 N N3    . DG  A 1 6 ? -7.552  -7.139  1.957   1.00 13.99 ? 6  DG  A N3    1 
ATOM   120 C C4    . DG  A 1 6 ? -7.900  -6.030  2.652   1.00 14.54 ? 6  DG  A C4    1 
HETATM 121 C C1    . DM9 B 2 . ? -0.950  -4.217  5.671   1.00 13.91 ? 7  DM9 A C1    1 
HETATM 122 C C2    . DM9 B 2 . ? -1.065  -3.173  6.607   1.00 13.94 ? 7  DM9 A C2    1 
HETATM 123 C C3    . DM9 B 2 . ? -2.141  -2.258  6.556   1.00 14.58 ? 7  DM9 A C3    1 
HETATM 124 C C4    . DM9 B 2 . ? -3.080  -2.429  5.538   1.00 14.29 ? 7  DM9 A C4    1 
HETATM 125 O O4    . DM9 B 2 . ? -4.133  -1.536  5.495   1.00 15.08 ? 7  DM9 A O4    1 
HETATM 126 C C5    . DM9 B 2 . ? -3.893  -3.657  3.525   1.00 13.61 ? 7  DM9 A C5    1 
HETATM 127 O O5    . DM9 B 2 . ? -4.958  -2.822  3.389   1.00 14.45 ? 7  DM9 A O5    1 
HETATM 128 C C6    . DM9 B 2 . ? -4.638  -4.943  1.472   1.00 13.21 ? 7  DM9 A C6    1 
HETATM 129 O O6    . DM9 B 2 . ? -5.731  -4.087  1.296   1.00 13.31 ? 7  DM9 A O6    1 
HETATM 130 C C7    . DM9 B 2 . ? -5.423  -6.169  -0.557  1.00 14.93 ? 7  DM9 A C7    1 
HETATM 131 O O7    . DM9 B 2 . ? -5.121  -4.922  -1.399  1.00 16.66 ? 7  DM9 A O7    1 
HETATM 132 C C8    . DM9 B 2 . ? -5.308  -7.427  -1.405  1.00 14.16 ? 7  DM9 A C8    1 
HETATM 133 C C9    . DM9 B 2 . ? -3.792  -7.836  -1.546  1.00 14.40 ? 7  DM9 A C9    1 
HETATM 134 O O9    . DM9 B 2 . ? -3.024  -6.910  -2.329  1.00 14.08 ? 7  DM9 A O9    1 
HETATM 135 C C10   . DM9 B 2 . ? -3.068  -8.028  -0.176  1.00 14.22 ? 7  DM9 A C10   1 
HETATM 136 C C11   . DM9 B 2 . ? -2.457  -6.658  1.800   1.00 13.05 ? 7  DM9 A C11   1 
HETATM 137 O O11   . DM9 B 2 . ? -1.419  -7.551  1.867   1.00 14.26 ? 7  DM9 A O11   1 
HETATM 138 C C12   . DM9 B 2 . ? -1.704  -5.438  3.756   1.00 13.25 ? 7  DM9 A C12   1 
HETATM 139 O O12   . DM9 B 2 . ? -0.691  -6.266  3.877   1.00 13.91 ? 7  DM9 A O12   1 
HETATM 140 C C13   . DM9 B 2 . ? -3.767  -9.069  -2.394  1.00 14.67 ? 7  DM9 A C13   1 
HETATM 141 O O13   . DM9 B 2 . ? -3.778  -10.223 -1.776  1.00 15.34 ? 7  DM9 A O13   1 
HETATM 142 C C14   . DM9 B 2 . ? -3.708  -8.972  -3.911  1.00 14.46 ? 7  DM9 A C14   1 
HETATM 143 C C15   . DM9 B 2 . ? -1.899  -4.355  4.668   1.00 13.59 ? 7  DM9 A C15   1 
HETATM 144 C C16   . DM9 B 2 . ? -2.961  -3.461  4.588   1.00 14.03 ? 7  DM9 A C16   1 
HETATM 145 C C17   . DM9 B 2 . ? -3.735  -4.735  2.554   1.00 13.41 ? 7  DM9 A C17   1 
HETATM 146 C C18   . DM9 B 2 . ? -2.630  -5.616  2.701   1.00 13.00 ? 7  DM9 A C18   1 
HETATM 147 C C19   . DM9 B 2 . ? -3.354  -6.861  0.735   1.00 13.82 ? 7  DM9 A C19   1 
HETATM 148 C C20   . DM9 B 2 . ? -4.437  -6.024  0.550   1.00 13.88 ? 7  DM9 A C20   1 
HETATM 149 C C21   . DM9 B 2 . ? -4.247  -0.433  6.522   1.00 15.61 ? 7  DM9 A C21   1 
HETATM 150 C "C1'" . DM9 B 2 . ? -6.240  -4.194  -2.082  1.00 18.82 ? 7  DM9 A "C1'" 1 
HETATM 151 C "C2'" . DM9 B 2 . ? -5.789  -2.778  -2.367  1.00 20.34 ? 7  DM9 A "C2'" 1 
HETATM 152 C "C3'" . DM9 B 2 . ? -4.803  -2.804  -3.567  1.00 21.58 ? 7  DM9 A "C3'" 1 
HETATM 153 C "C4'" . DM9 B 2 . ? -5.245  -3.683  -4.751  1.00 21.18 ? 7  DM9 A "C4'" 1 
HETATM 154 O "O4'" . DM9 B 2 . ? -6.519  -3.029  -5.185  1.00 21.26 ? 7  DM9 A "O4'" 1 
HETATM 155 C "C5'" . DM9 B 2 . ? -5.632  -5.121  -4.251  1.00 21.01 ? 7  DM9 A "C5'" 1 
HETATM 156 O "O5'" . DM9 B 2 . ? -6.650  -5.031  -3.171  1.00 19.93 ? 7  DM9 A "O5'" 1 
HETATM 157 C "C6'" . DM9 B 2 . ? -6.151  -5.992  -5.409  1.00 21.26 ? 7  DM9 A "C6'" 1 
HETATM 158 N "N3'" . DM9 B 2 . ? -4.150  -1.504  -3.860  1.00 23.35 ? 7  DM9 A "N3'" 1 
HETATM 159 C C31   . DM9 B 2 . ? -4.761  -0.391  -3.075  1.00 23.31 ? 7  DM9 A C31   1 
HETATM 160 O O31   . DM9 B 2 . ? -3.796  0.092   -2.012  1.00 23.02 ? 7  DM9 A O31   1 
HETATM 161 C C41   . DM9 B 2 . ? -4.018  -1.212  -5.357  1.00 24.39 ? 7  DM9 A C41   1 
HETATM 162 C C42   . DM9 B 2 . ? -3.537  0.226   -5.613  1.00 25.52 ? 7  DM9 A C42   1 
HETATM 163 O O42   . DM9 B 2 . ? -4.389  0.871   -6.720  1.00 26.72 ? 7  DM9 A O42   1 
HETATM 164 C C43   . DM9 B 2 . ? -5.695  0.289   -7.196  1.00 26.34 ? 7  DM9 A C43   1 
HETATM 165 O O     . HOH C 3 . ? -6.855  -2.215  5.386   1.00 24.04 ? 8  HOH A O     1 
HETATM 166 O O     . HOH C 3 . ? -4.405  3.100   4.540   1.00 23.91 ? 9  HOH A O     1 
HETATM 167 O O     . HOH C 3 . ? -8.639  -0.211  5.106   1.00 32.95 ? 10 HOH A O     1 
HETATM 168 O O     . HOH C 3 . ? -8.510  -8.476  -0.548  1.00 27.02 ? 11 HOH A O     1 
HETATM 169 O O     . HOH C 3 . ? 11.164  7.571   -4.490  1.00 26.83 ? 12 HOH A O     1 
HETATM 170 O O     . HOH C 3 . ? 1.240   -0.595  5.638   1.00 28.18 ? 13 HOH A O     1 
HETATM 171 O O     . HOH C 3 . ? -8.775  -6.840  -2.497  1.00 42.64 ? 14 HOH A O     1 
HETATM 172 O O     . HOH C 3 . ? -7.147  -10.771 0.029   1.00 32.35 ? 15 HOH A O     1 
HETATM 173 O O     . HOH C 3 . ? -5.427  -4.726  7.507   1.00 27.80 ? 16 HOH A O     1 
HETATM 174 O O     . HOH C 3 . ? 3.814   3.650   4.760   1.00 33.30 ? 17 HOH A O     1 
HETATM 175 O O     . HOH C 3 . ? -0.047  3.475   4.253   1.00 39.24 ? 18 HOH A O     1 
HETATM 176 O O     . HOH C 3 . ? 1.372   10.173  0.742   1.00 36.53 ? 19 HOH A O     1 
HETATM 177 O O     . HOH C 3 . ? 11.875  1.145   -0.571  1.00 32.44 ? 20 HOH A O     1 
HETATM 178 O O     . HOH C 3 . ? 6.706   -0.435  0.029   1.00 36.25 ? 21 HOH A O     1 
HETATM 179 O O     . HOH C 3 . ? -7.477  -9.965  -3.213  1.00 54.65 ? 22 HOH A O     1 
HETATM 180 O O     . HOH C 3 . ? -1.805  2.857   6.160   1.00 49.27 ? 23 HOH A O     1 
HETATM 181 O O     . HOH C 3 . ? -12.025 -8.231  -1.744  1.00 38.71 ? 24 HOH A O     1 
HETATM 182 O O     . HOH C 3 . ? 14.880  -0.125  -0.803  1.00 37.10 ? 25 HOH A O     1 
HETATM 183 O O     . HOH C 3 . ? 7.483   7.734   5.740   1.00 40.12 ? 26 HOH A O     1 
HETATM 184 O O     . HOH C 3 . ? -3.084  6.844   4.757   1.00 41.89 ? 27 HOH A O     1 
HETATM 185 O O     . HOH C 3 . ? 4.652   -0.806  4.960   1.00 42.21 ? 28 HOH A O     1 
HETATM 186 O O     . HOH C 3 . ? -5.465  2.249   -3.187  1.00 42.23 ? 29 HOH A O     1 
HETATM 187 O O     . HOH C 3 . ? -9.340  4.882   0.366   1.00 42.87 ? 30 HOH A O     1 
HETATM 188 O O     . HOH C 3 . ? -1.421  0.970   7.922   1.00 50.72 ? 31 HOH A O     1 
HETATM 189 O O     . HOH C 3 . ? 3.578   1.232   6.465   1.00 41.83 ? 32 HOH A O     1 
# 
